data_5MLJ
#
_entry.id   5MLJ
#
_cell.length_a   45.630
_cell.length_b   74.000
_cell.length_c   76.310
_cell.angle_alpha   90.00
_cell.angle_beta   90.00
_cell.angle_gamma   90.00
#
_symmetry.space_group_name_H-M   'P 21 21 21'
#
loop_
_entity.id
_entity.type
_entity.pdbx_description
1 polymer 'Histone acetyltransferase KAT2A'
2 non-polymer 1,2-ETHANEDIOL
3 non-polymer 4-bromo-2-methyl-5-[[(3~{R},5~{R})-1-methyl-5-phenyl-piperidin-3-yl]amino]pyridazin-3-one
4 water water
#
_entity_poly.entity_id   1
_entity_poly.type   'polypeptide(L)'
_entity_poly.pdbx_seq_one_letter_code
;SMEDPDQLYTTLKNLLAQIKSHPSAWPFMEPVKKSEAPDYYEVIRFPIDLKTMTERLRSRYYVTRKLFVADLQRVIANCR
EYNPPDSEYCRCASALEKFFYFKLKEGGLIDK
;
_entity_poly.pdbx_strand_id   A,B
#
loop_
_chem_comp.id
_chem_comp.type
_chem_comp.name
_chem_comp.formula
9ST non-polymer 4-bromo-2-methyl-5-[[(3~{R},5~{R})-1-methyl-5-phenyl-piperidin-3-yl]amino]pyridazin-3-one 'C17 H21 Br N4 O'
EDO non-polymer 1,2-ETHANEDIOL 'C2 H6 O2'
#
# COMPACT_ATOMS: atom_id res chain seq x y z
N ASP A 4 14.68 26.05 -8.73
CA ASP A 4 13.62 27.09 -8.91
C ASP A 4 12.61 27.04 -7.76
N PRO A 5 12.87 27.79 -6.67
CA PRO A 5 11.99 27.75 -5.50
C PRO A 5 10.54 28.21 -5.76
N ASP A 6 10.36 29.19 -6.64
CA ASP A 6 9.02 29.70 -6.96
C ASP A 6 8.20 28.67 -7.75
N GLN A 7 8.83 28.01 -8.72
CA GLN A 7 8.19 26.91 -9.44
C GLN A 7 7.85 25.77 -8.49
N LEU A 8 8.78 25.45 -7.59
CA LEU A 8 8.57 24.33 -6.66
C LEU A 8 7.38 24.60 -5.76
N TYR A 9 7.35 25.79 -5.14
CA TYR A 9 6.28 26.17 -4.22
C TYR A 9 4.90 26.13 -4.88
N THR A 10 4.78 26.75 -6.04
CA THR A 10 3.48 26.80 -6.73
C THR A 10 3.04 25.40 -7.18
N THR A 11 4.00 24.61 -7.67
CA THR A 11 3.70 23.25 -8.11
C THR A 11 3.19 22.42 -6.92
N LEU A 12 3.90 22.49 -5.79
CA LEU A 12 3.48 21.75 -4.60
C LEU A 12 2.14 22.25 -4.05
N LYS A 13 1.94 23.57 -4.05
CA LYS A 13 0.68 24.15 -3.62
C LYS A 13 -0.48 23.64 -4.47
N ASN A 14 -0.29 23.65 -5.78
CA ASN A 14 -1.31 23.18 -6.71
C ASN A 14 -1.59 21.68 -6.56
N LEU A 15 -0.54 20.91 -6.30
CA LEU A 15 -0.70 19.47 -6.07
C LEU A 15 -1.47 19.22 -4.77
N LEU A 16 -1.06 19.88 -3.69
CA LEU A 16 -1.66 19.64 -2.37
C LEU A 16 -3.14 20.03 -2.34
N ALA A 17 -3.50 21.11 -3.01
CA ALA A 17 -4.90 21.53 -3.15
C ALA A 17 -5.76 20.41 -3.75
N GLN A 18 -5.21 19.72 -4.75
CA GLN A 18 -5.91 18.61 -5.38
C GLN A 18 -6.05 17.41 -4.46
N ILE A 19 -4.97 17.08 -3.76
CA ILE A 19 -4.96 15.94 -2.84
C ILE A 19 -5.99 16.15 -1.73
N LYS A 20 -6.02 17.34 -1.16
CA LYS A 20 -6.95 17.66 -0.08
C LYS A 20 -8.41 17.70 -0.52
N SER A 21 -8.63 17.80 -1.84
CA SER A 21 -9.99 17.78 -2.42
C SER A 21 -10.56 16.39 -2.72
N HIS A 22 -9.70 15.36 -2.67
CA HIS A 22 -10.10 14.02 -3.04
C HIS A 22 -10.97 13.40 -1.94
N PRO A 23 -12.01 12.64 -2.32
CA PRO A 23 -12.94 12.09 -1.31
C PRO A 23 -12.32 11.14 -0.28
N SER A 24 -11.23 10.46 -0.67
N SER A 24 -11.23 10.48 -0.66
CA SER A 24 -10.49 9.58 0.22
CA SER A 24 -10.50 9.57 0.23
C SER A 24 -9.46 10.26 1.13
C SER A 24 -9.46 10.26 1.13
N ALA A 25 -9.33 11.58 1.03
CA ALA A 25 -8.41 12.34 1.90
C ALA A 25 -8.94 12.51 3.34
N TRP A 26 -10.24 12.28 3.55
CA TRP A 26 -10.89 12.65 4.82
C TRP A 26 -10.20 12.12 6.11
N PRO A 27 -9.68 10.88 6.10
CA PRO A 27 -9.05 10.42 7.36
C PRO A 27 -7.74 11.14 7.70
N PHE A 28 -7.14 11.78 6.70
CA PHE A 28 -5.77 12.29 6.81
C PHE A 28 -5.70 13.81 6.82
N MET A 29 -6.84 14.48 6.95
CA MET A 29 -6.89 15.94 6.86
C MET A 29 -6.28 16.64 8.06
N GLU A 30 -6.42 16.03 9.24
CA GLU A 30 -5.90 16.58 10.47
C GLU A 30 -5.21 15.49 11.31
N PRO A 31 -4.35 15.90 12.26
CA PRO A 31 -3.60 14.90 13.02
C PRO A 31 -4.48 13.92 13.79
N VAL A 32 -4.02 12.68 13.91
CA VAL A 32 -4.71 11.66 14.70
C VAL A 32 -4.82 12.16 16.14
N LYS A 33 -6.00 11.99 16.74
CA LYS A 33 -6.23 12.41 18.11
C LYS A 33 -6.00 11.26 19.07
N LYS A 34 -5.50 11.56 20.27
CA LYS A 34 -5.28 10.53 21.28
C LYS A 34 -6.58 9.84 21.69
N SER A 35 -7.70 10.56 21.65
CA SER A 35 -9.01 9.96 21.92
C SER A 35 -9.34 8.84 20.93
N GLU A 36 -8.88 9.00 19.68
CA GLU A 36 -9.10 8.01 18.63
C GLU A 36 -8.17 6.82 18.78
N ALA A 37 -6.92 7.09 19.16
CA ALA A 37 -5.87 6.08 19.23
C ALA A 37 -4.86 6.51 20.31
N PRO A 38 -5.09 6.10 21.57
CA PRO A 38 -4.34 6.68 22.70
C PRO A 38 -2.83 6.43 22.71
N ASP A 39 -2.36 5.39 22.04
CA ASP A 39 -0.93 5.10 21.97
C ASP A 39 -0.29 5.52 20.65
N TYR A 40 -1.05 6.19 19.78
CA TYR A 40 -0.58 6.53 18.43
C TYR A 40 0.78 7.21 18.42
N TYR A 41 0.98 8.17 19.32
CA TYR A 41 2.18 9.00 19.29
C TYR A 41 3.40 8.35 19.96
N GLU A 42 3.19 7.19 20.59
CA GLU A 42 4.30 6.33 20.99
C GLU A 42 4.65 5.34 19.86
N VAL A 43 3.63 4.80 19.18
CA VAL A 43 3.83 3.82 18.11
C VAL A 43 4.41 4.50 16.85
N ILE A 44 3.73 5.55 16.40
CA ILE A 44 4.11 6.27 15.17
C ILE A 44 4.96 7.48 15.55
N ARG A 45 6.25 7.41 15.22
CA ARG A 45 7.20 8.43 15.69
C ARG A 45 7.31 9.67 14.79
N PHE A 46 6.88 9.55 13.53
CA PHE A 46 6.83 10.71 12.64
C PHE A 46 5.42 10.89 12.08
N PRO A 47 4.47 11.28 12.96
CA PRO A 47 3.09 11.47 12.54
C PRO A 47 2.97 12.63 11.56
N ILE A 48 2.11 12.48 10.56
CA ILE A 48 1.96 13.50 9.53
C ILE A 48 0.54 13.43 8.98
N ASP A 49 0.06 14.56 8.49
CA ASP A 49 -1.29 14.71 8.01
C ASP A 49 -1.32 15.92 7.06
N LEU A 50 -2.44 16.13 6.39
CA LEU A 50 -2.50 17.14 5.33
C LEU A 50 -2.53 18.60 5.84
N LYS A 51 -3.02 18.82 7.05
CA LYS A 51 -2.98 20.16 7.67
C LYS A 51 -1.54 20.54 8.03
N THR A 52 -0.82 19.63 8.67
CA THR A 52 0.59 19.82 8.95
C THR A 52 1.38 20.05 7.65
N MET A 53 1.06 19.31 6.60
CA MET A 53 1.73 19.49 5.31
C MET A 53 1.44 20.87 4.71
N THR A 54 0.21 21.32 4.87
CA THR A 54 -0.19 22.67 4.44
C THR A 54 0.65 23.70 5.20
N GLU A 55 0.76 23.51 6.51
CA GLU A 55 1.56 24.41 7.36
C GLU A 55 3.04 24.41 6.97
N ARG A 56 3.59 23.22 6.69
CA ARG A 56 4.97 23.10 6.24
C ARG A 56 5.17 23.76 4.88
N LEU A 57 4.24 23.54 3.96
CA LEU A 57 4.31 24.17 2.64
C LEU A 57 4.39 25.68 2.78
N ARG A 58 3.45 26.26 3.53
CA ARG A 58 3.33 27.71 3.64
C ARG A 58 4.49 28.38 4.38
N SER A 59 5.19 27.62 5.22
CA SER A 59 6.39 28.14 5.90
C SER A 59 7.70 27.81 5.16
N ARG A 60 7.58 27.30 3.93
CA ARG A 60 8.73 27.02 3.06
C ARG A 60 9.62 25.89 3.59
N TYR A 61 9.01 24.93 4.27
CA TYR A 61 9.70 23.72 4.74
C TYR A 61 10.15 22.86 3.56
N TYR A 62 9.32 22.81 2.52
CA TYR A 62 9.58 21.90 1.39
C TYR A 62 10.49 22.56 0.34
N VAL A 63 11.75 22.70 0.71
CA VAL A 63 12.77 23.27 -0.16
C VAL A 63 13.20 22.32 -1.29
N THR A 64 12.82 21.05 -1.19
CA THR A 64 12.99 20.08 -2.27
C THR A 64 11.69 19.33 -2.50
N ARG A 65 11.50 18.87 -3.73
CA ARG A 65 10.36 18.02 -4.08
C ARG A 65 10.34 16.76 -3.20
N LYS A 66 11.52 16.16 -3.01
CA LYS A 66 11.63 14.92 -2.24
C LYS A 66 11.15 15.08 -0.79
N LEU A 67 11.40 16.23 -0.15
CA LEU A 67 10.90 16.47 1.21
C LEU A 67 9.38 16.40 1.25
N PHE A 68 8.73 16.97 0.24
CA PHE A 68 7.28 16.93 0.15
C PHE A 68 6.79 15.49 -0.06
N VAL A 69 7.39 14.80 -1.03
CA VAL A 69 6.97 13.44 -1.37
C VAL A 69 7.20 12.49 -0.19
N ALA A 70 8.25 12.71 0.59
CA ALA A 70 8.51 11.90 1.79
C ALA A 70 7.38 12.03 2.81
N ASP A 71 6.92 13.26 3.08
CA ASP A 71 5.81 13.48 4.00
C ASP A 71 4.52 12.83 3.48
N LEU A 72 4.24 13.02 2.20
CA LEU A 72 3.03 12.50 1.59
C LEU A 72 2.99 10.96 1.65
N GLN A 73 4.11 10.34 1.30
CA GLN A 73 4.23 8.89 1.37
C GLN A 73 4.15 8.37 2.80
N ARG A 74 4.62 9.16 3.76
CA ARG A 74 4.56 8.77 5.18
C ARG A 74 3.14 8.82 5.75
N VAL A 75 2.27 9.69 5.22
CA VAL A 75 0.85 9.66 5.58
C VAL A 75 0.30 8.26 5.35
N ILE A 76 0.63 7.70 4.19
CA ILE A 76 0.16 6.38 3.79
C ILE A 76 0.86 5.27 4.57
N ALA A 77 2.18 5.38 4.70
CA ALA A 77 2.96 4.37 5.41
C ALA A 77 2.59 4.28 6.90
N ASN A 78 2.38 5.42 7.54
CA ASN A 78 1.93 5.44 8.94
C ASN A 78 0.59 4.74 9.10
N CYS A 79 -0.33 5.02 8.18
CA CYS A 79 -1.65 4.41 8.20
C CYS A 79 -1.55 2.88 8.09
N ARG A 80 -0.69 2.41 7.19
CA ARG A 80 -0.50 0.96 6.99
C ARG A 80 0.25 0.29 8.14
N GLU A 81 1.11 1.04 8.85
CA GLU A 81 1.81 0.48 10.00
C GLU A 81 0.88 0.36 11.21
N TYR A 82 0.05 1.38 11.44
CA TYR A 82 -0.79 1.41 12.64
C TYR A 82 -2.09 0.61 12.53
N ASN A 83 -2.74 0.69 11.37
CA ASN A 83 -4.09 0.13 11.23
C ASN A 83 -4.10 -1.27 10.64
N PRO A 84 -5.19 -2.02 10.86
CA PRO A 84 -5.32 -3.33 10.23
C PRO A 84 -5.27 -3.20 8.71
N PRO A 85 -4.59 -4.14 8.02
CA PRO A 85 -4.46 -4.02 6.58
C PRO A 85 -5.80 -4.04 5.84
N ASP A 86 -6.80 -4.70 6.41
CA ASP A 86 -8.17 -4.70 5.88
C ASP A 86 -9.00 -3.79 6.77
N SER A 87 -8.98 -2.50 6.48
CA SER A 87 -9.69 -1.50 7.28
C SER A 87 -10.11 -0.32 6.42
N GLU A 88 -11.08 0.46 6.90
N GLU A 88 -11.08 0.46 6.90
CA GLU A 88 -11.55 1.63 6.17
CA GLU A 88 -11.56 1.63 6.18
C GLU A 88 -10.43 2.64 5.94
C GLU A 88 -10.43 2.64 5.94
N TYR A 89 -9.63 2.90 6.97
CA TYR A 89 -8.50 3.84 6.84
C TYR A 89 -7.51 3.37 5.78
N CYS A 90 -7.17 2.07 5.81
CA CYS A 90 -6.24 1.53 4.81
C CYS A 90 -6.83 1.56 3.39
N ARG A 91 -8.14 1.32 3.27
CA ARG A 91 -8.80 1.46 1.96
C ARG A 91 -8.70 2.89 1.45
N CYS A 92 -8.94 3.86 2.33
CA CYS A 92 -8.81 5.27 1.95
C CYS A 92 -7.37 5.62 1.59
N ALA A 93 -6.41 5.08 2.34
CA ALA A 93 -4.99 5.32 2.07
C ALA A 93 -4.62 4.83 0.68
N SER A 94 -5.06 3.63 0.33
CA SER A 94 -4.77 3.07 -0.99
C SER A 94 -5.41 3.89 -2.12
N ALA A 95 -6.65 4.33 -1.92
CA ALA A 95 -7.34 5.17 -2.89
C ALA A 95 -6.65 6.52 -3.06
N LEU A 96 -6.23 7.13 -1.95
CA LEU A 96 -5.57 8.44 -2.03
C LEU A 96 -4.20 8.31 -2.67
N GLU A 97 -3.49 7.23 -2.34
CA GLU A 97 -2.19 6.93 -2.93
C GLU A 97 -2.28 6.79 -4.45
N LYS A 98 -3.28 6.04 -4.91
CA LYS A 98 -3.47 5.83 -6.35
C LYS A 98 -3.65 7.19 -7.05
N PHE A 99 -4.50 8.03 -6.45
CA PHE A 99 -4.76 9.37 -6.98
C PHE A 99 -3.50 10.23 -6.99
N PHE A 100 -2.76 10.29 -5.89
CA PHE A 100 -1.63 11.22 -5.86
C PHE A 100 -0.47 10.76 -6.74
N TYR A 101 -0.35 9.46 -7.01
CA TYR A 101 0.66 9.01 -7.98
C TYR A 101 0.27 9.39 -9.42
N PHE A 102 -1.02 9.30 -9.74
CA PHE A 102 -1.52 9.83 -11.02
C PHE A 102 -1.15 11.31 -11.16
N LYS A 103 -1.41 12.08 -10.11
CA LYS A 103 -1.14 13.52 -10.12
C LYS A 103 0.38 13.81 -10.13
N LEU A 104 1.15 13.05 -9.36
CA LEU A 104 2.61 13.22 -9.38
C LEU A 104 3.18 12.97 -10.78
N LYS A 105 2.63 11.95 -11.45
CA LYS A 105 3.03 11.65 -12.83
C LYS A 105 2.58 12.76 -13.78
N GLU A 106 1.33 13.19 -13.66
CA GLU A 106 0.80 14.30 -14.46
C GLU A 106 1.69 15.55 -14.35
N GLY A 107 2.16 15.83 -13.13
CA GLY A 107 3.00 17.00 -12.87
C GLY A 107 4.49 16.83 -13.14
N GLY A 108 4.90 15.67 -13.64
CA GLY A 108 6.31 15.40 -13.92
C GLY A 108 7.18 15.37 -12.68
N LEU A 109 6.58 15.06 -11.53
CA LEU A 109 7.28 15.07 -10.25
C LEU A 109 7.90 13.71 -9.93
N ILE A 110 7.47 12.68 -10.66
CA ILE A 110 8.13 11.39 -10.71
C ILE A 110 8.08 10.91 -12.15
N ASP A 111 8.83 9.85 -12.46
CA ASP A 111 8.81 9.28 -13.81
C ASP A 111 7.45 8.64 -14.10
N LYS A 112 6.98 8.77 -15.34
CA LYS A 112 5.69 8.24 -15.75
C LYS A 112 5.73 6.71 -15.92
N PRO B 5 -12.97 -29.29 6.61
CA PRO B 5 -11.70 -29.42 5.91
C PRO B 5 -11.81 -29.34 4.38
N ASP B 6 -12.60 -30.23 3.79
CA ASP B 6 -12.78 -30.26 2.33
C ASP B 6 -13.56 -29.06 1.80
N GLN B 7 -14.48 -28.54 2.61
CA GLN B 7 -15.23 -27.35 2.23
C GLN B 7 -14.33 -26.11 2.23
N LEU B 8 -13.45 -26.02 3.22
CA LEU B 8 -12.46 -24.94 3.28
C LEU B 8 -11.51 -25.05 2.09
N TYR B 9 -11.04 -26.28 1.81
CA TYR B 9 -10.15 -26.54 0.69
C TYR B 9 -10.71 -26.02 -0.63
N THR B 10 -11.97 -26.35 -0.90
CA THR B 10 -12.63 -25.94 -2.14
C THR B 10 -12.77 -24.42 -2.23
N THR B 11 -13.17 -23.79 -1.13
CA THR B 11 -13.31 -22.34 -1.06
C THR B 11 -11.97 -21.64 -1.37
N LEU B 12 -10.90 -22.14 -0.77
CA LEU B 12 -9.56 -21.58 -1.00
C LEU B 12 -9.05 -21.86 -2.41
N LYS B 13 -9.31 -23.06 -2.92
CA LYS B 13 -8.92 -23.43 -4.27
C LYS B 13 -9.56 -22.51 -5.30
N ASN B 14 -10.86 -22.25 -5.15
CA ASN B 14 -11.57 -21.35 -6.05
C ASN B 14 -11.12 -19.90 -5.88
N LEU B 15 -10.90 -19.48 -4.64
CA LEU B 15 -10.41 -18.13 -4.36
C LEU B 15 -9.04 -17.91 -4.99
N LEU B 16 -8.14 -18.86 -4.80
CA LEU B 16 -6.78 -18.75 -5.34
C LEU B 16 -6.77 -18.66 -6.87
N ALA B 17 -7.62 -19.46 -7.52
CA ALA B 17 -7.71 -19.46 -8.98
C ALA B 17 -8.17 -18.11 -9.52
N GLN B 18 -9.14 -17.51 -8.84
CA GLN B 18 -9.65 -16.18 -9.21
C GLN B 18 -8.57 -15.11 -9.03
N ILE B 19 -7.81 -15.23 -7.93
CA ILE B 19 -6.71 -14.29 -7.67
C ILE B 19 -5.65 -14.39 -8.75
N LYS B 20 -5.24 -15.61 -9.07
CA LYS B 20 -4.24 -15.85 -10.12
C LYS B 20 -4.69 -15.38 -11.51
N SER B 21 -6.01 -15.33 -11.74
CA SER B 21 -6.57 -14.85 -13.00
C SER B 21 -6.71 -13.33 -13.12
N HIS B 22 -6.54 -12.61 -12.01
CA HIS B 22 -6.73 -11.16 -12.00
C HIS B 22 -5.66 -10.48 -12.85
N PRO B 23 -6.01 -9.40 -13.59
CA PRO B 23 -5.01 -8.74 -14.46
C PRO B 23 -3.79 -8.16 -13.74
N SER B 24 -3.87 -7.92 -12.45
CA SER B 24 -2.76 -7.39 -11.66
C SER B 24 -1.97 -8.47 -10.89
N ALA B 25 -2.28 -9.75 -11.12
CA ALA B 25 -1.64 -10.84 -10.38
C ALA B 25 -0.26 -11.23 -10.94
N TRP B 26 0.02 -10.86 -12.20
CA TRP B 26 1.23 -11.33 -12.89
C TRP B 26 2.57 -11.13 -12.17
N PRO B 27 2.75 -10.01 -11.42
CA PRO B 27 4.04 -9.89 -10.75
C PRO B 27 4.30 -10.93 -9.65
N PHE B 28 3.23 -11.50 -9.12
CA PHE B 28 3.29 -12.31 -7.90
C PHE B 28 3.03 -13.80 -8.13
N MET B 29 3.01 -14.22 -9.40
CA MET B 29 2.69 -15.61 -9.75
C MET B 29 3.79 -16.59 -9.34
N GLU B 30 5.06 -16.15 -9.41
CA GLU B 30 6.19 -17.02 -9.13
C GLU B 30 7.26 -16.29 -8.31
N PRO B 31 8.13 -17.03 -7.60
CA PRO B 31 9.15 -16.42 -6.75
C PRO B 31 10.10 -15.51 -7.49
N VAL B 32 10.54 -14.43 -6.83
CA VAL B 32 11.47 -13.48 -7.42
C VAL B 32 12.82 -14.17 -7.59
N LYS B 33 13.43 -14.00 -8.76
CA LYS B 33 14.76 -14.54 -9.03
C LYS B 33 15.82 -13.51 -8.72
N LYS B 34 16.97 -13.95 -8.21
CA LYS B 34 18.10 -13.06 -7.97
C LYS B 34 18.60 -12.38 -9.25
N SER B 35 18.42 -13.03 -10.41
CA SER B 35 18.72 -12.39 -11.69
C SER B 35 17.85 -11.15 -11.96
N GLU B 36 16.66 -11.10 -11.38
CA GLU B 36 15.77 -9.93 -11.48
C GLU B 36 16.09 -8.87 -10.42
N ALA B 37 16.34 -9.33 -9.20
CA ALA B 37 16.61 -8.46 -8.07
C ALA B 37 17.71 -9.11 -7.22
N PRO B 38 18.98 -8.81 -7.53
CA PRO B 38 20.13 -9.49 -6.92
C PRO B 38 20.12 -9.57 -5.40
N ASP B 39 19.62 -8.54 -4.74
CA ASP B 39 19.62 -8.49 -3.27
C ASP B 39 18.29 -8.88 -2.64
N TYR B 40 17.34 -9.39 -3.43
CA TYR B 40 15.99 -9.65 -2.92
C TYR B 40 15.96 -10.49 -1.65
N TYR B 41 16.75 -11.57 -1.61
CA TYR B 41 16.74 -12.47 -0.45
C TYR B 41 17.54 -11.96 0.76
N GLU B 42 18.35 -10.93 0.55
N GLU B 42 18.35 -10.93 0.54
CA GLU B 42 18.99 -10.22 1.67
CA GLU B 42 19.02 -10.20 1.62
C GLU B 42 18.06 -9.17 2.28
C GLU B 42 18.08 -9.16 2.25
N VAL B 43 17.03 -8.77 1.52
CA VAL B 43 16.10 -7.74 1.96
C VAL B 43 14.81 -8.32 2.54
N ILE B 44 14.19 -9.22 1.78
CA ILE B 44 12.92 -9.82 2.17
C ILE B 44 13.16 -11.13 2.89
N ARG B 45 12.74 -11.19 4.15
CA ARG B 45 13.04 -12.31 5.04
C ARG B 45 12.23 -13.57 4.72
N PHE B 46 10.96 -13.39 4.37
CA PHE B 46 10.06 -14.51 4.12
C PHE B 46 9.33 -14.35 2.78
N PRO B 47 10.04 -14.56 1.67
CA PRO B 47 9.44 -14.47 0.34
C PRO B 47 8.26 -15.43 0.15
N ILE B 48 7.28 -14.99 -0.63
CA ILE B 48 6.08 -15.78 -0.88
C ILE B 48 5.48 -15.32 -2.21
N ASP B 49 4.77 -16.23 -2.87
CA ASP B 49 4.19 -15.98 -4.19
C ASP B 49 3.04 -16.94 -4.40
N LEU B 50 2.30 -16.76 -5.48
CA LEU B 50 1.07 -17.52 -5.71
C LEU B 50 1.31 -18.99 -6.12
N LYS B 51 2.47 -19.29 -6.69
CA LYS B 51 2.84 -20.68 -7.01
C LYS B 51 3.13 -21.47 -5.74
N THR B 52 3.88 -20.86 -4.83
CA THR B 52 4.19 -21.45 -3.53
C THR B 52 2.91 -21.64 -2.72
N MET B 53 1.99 -20.68 -2.78
CA MET B 53 0.69 -20.82 -2.12
C MET B 53 -0.14 -21.96 -2.70
N THR B 54 -0.05 -22.16 -4.02
CA THR B 54 -0.73 -23.27 -4.67
C THR B 54 -0.25 -24.62 -4.13
N GLU B 55 1.06 -24.76 -3.93
CA GLU B 55 1.63 -25.99 -3.39
C GLU B 55 1.28 -26.18 -1.90
N ARG B 56 1.28 -25.08 -1.15
CA ARG B 56 0.83 -25.13 0.25
C ARG B 56 -0.61 -25.61 0.34
N LEU B 57 -1.46 -25.11 -0.56
CA LEU B 57 -2.86 -25.52 -0.63
C LEU B 57 -2.98 -27.02 -0.89
N ARG B 58 -2.28 -27.49 -1.93
CA ARG B 58 -2.29 -28.91 -2.30
C ARG B 58 -1.77 -29.80 -1.17
N SER B 59 -0.78 -29.32 -0.41
CA SER B 59 -0.23 -30.07 0.73
C SER B 59 -1.07 -29.95 2.01
N ARG B 60 -2.25 -29.31 1.91
CA ARG B 60 -3.20 -29.16 3.02
C ARG B 60 -2.63 -28.35 4.19
N TYR B 61 -1.81 -27.36 3.85
CA TYR B 61 -1.21 -26.45 4.85
C TYR B 61 -2.25 -25.48 5.41
N TYR B 62 -3.20 -25.06 4.59
CA TYR B 62 -4.17 -24.03 4.99
C TYR B 62 -5.35 -24.64 5.73
N VAL B 63 -5.13 -25.03 6.98
CA VAL B 63 -6.17 -25.61 7.82
C VAL B 63 -7.16 -24.54 8.33
N THR B 64 -6.79 -23.28 8.20
CA THR B 64 -7.72 -22.16 8.41
C THR B 64 -7.64 -21.16 7.27
N ARG B 65 -8.71 -20.39 7.09
CA ARG B 65 -8.72 -19.26 6.17
C ARG B 65 -7.67 -18.22 6.59
N LYS B 66 -7.49 -18.06 7.90
CA LYS B 66 -6.53 -17.08 8.43
C LYS B 66 -5.10 -17.29 7.90
N LEU B 67 -4.65 -18.56 7.85
CA LEU B 67 -3.32 -18.87 7.31
C LEU B 67 -3.20 -18.47 5.84
N PHE B 68 -4.27 -18.68 5.07
CA PHE B 68 -4.32 -18.31 3.66
C PHE B 68 -4.25 -16.79 3.51
N VAL B 69 -5.04 -16.08 4.30
CA VAL B 69 -5.04 -14.60 4.26
C VAL B 69 -3.66 -14.05 4.67
N ALA B 70 -3.04 -14.69 5.65
CA ALA B 70 -1.71 -14.29 6.11
C ALA B 70 -0.71 -14.32 4.94
N ASP B 71 -0.73 -15.38 4.15
CA ASP B 71 0.17 -15.49 3.01
C ASP B 71 -0.12 -14.46 1.93
N LEU B 72 -1.40 -14.23 1.63
CA LEU B 72 -1.79 -13.16 0.69
C LEU B 72 -1.29 -11.80 1.14
N GLN B 73 -1.47 -11.50 2.43
CA GLN B 73 -1.03 -10.22 2.97
C GLN B 73 0.49 -10.08 2.91
N ARG B 74 1.21 -11.18 3.07
CA ARG B 74 2.67 -11.16 2.97
C ARG B 74 3.16 -10.95 1.54
N VAL B 75 2.43 -11.46 0.55
CA VAL B 75 2.74 -11.16 -0.86
C VAL B 75 2.77 -9.64 -1.04
N ILE B 76 1.73 -8.98 -0.52
CA ILE B 76 1.55 -7.54 -0.66
C ILE B 76 2.58 -6.78 0.16
N ALA B 77 2.74 -7.16 1.43
CA ALA B 77 3.70 -6.52 2.32
C ALA B 77 5.15 -6.63 1.81
N ASN B 78 5.52 -7.81 1.31
CA ASN B 78 6.86 -7.99 0.73
C ASN B 78 7.09 -7.05 -0.44
N CYS B 79 6.07 -6.93 -1.30
CA CYS B 79 6.16 -6.03 -2.45
C CYS B 79 6.36 -4.58 -2.01
N ARG B 80 5.58 -4.16 -1.01
CA ARG B 80 5.70 -2.81 -0.47
C ARG B 80 7.01 -2.58 0.29
N GLU B 81 7.54 -3.62 0.93
CA GLU B 81 8.84 -3.50 1.60
C GLU B 81 10.00 -3.35 0.61
N TYR B 82 10.00 -4.17 -0.44
CA TYR B 82 11.13 -4.18 -1.36
C TYR B 82 11.12 -3.05 -2.39
N ASN B 83 9.97 -2.80 -3.00
CA ASN B 83 9.91 -1.96 -4.19
C ASN B 83 9.65 -0.49 -3.90
N PRO B 84 10.03 0.39 -4.85
CA PRO B 84 9.67 1.80 -4.67
C PRO B 84 8.14 1.93 -4.59
N PRO B 85 7.65 2.81 -3.71
CA PRO B 85 6.21 2.86 -3.49
C PRO B 85 5.40 3.31 -4.73
N ASP B 86 6.03 4.03 -5.66
CA ASP B 86 5.35 4.48 -6.89
C ASP B 86 5.46 3.50 -8.07
N SER B 87 6.00 2.31 -7.83
CA SER B 87 6.34 1.37 -8.89
C SER B 87 5.12 0.61 -9.46
N GLU B 88 5.31 0.03 -10.65
CA GLU B 88 4.29 -0.81 -11.28
CA GLU B 88 4.29 -0.81 -11.28
C GLU B 88 3.94 -2.00 -10.38
N TYR B 89 4.94 -2.60 -9.77
CA TYR B 89 4.71 -3.73 -8.86
C TYR B 89 3.80 -3.32 -7.70
N CYS B 90 4.08 -2.17 -7.09
CA CYS B 90 3.24 -1.70 -5.98
C CYS B 90 1.83 -1.32 -6.45
N ARG B 91 1.72 -0.78 -7.66
CA ARG B 91 0.41 -0.46 -8.23
C ARG B 91 -0.42 -1.73 -8.40
N CYS B 92 0.22 -2.77 -8.95
CA CYS B 92 -0.42 -4.08 -9.06
C CYS B 92 -0.79 -4.66 -7.69
N ALA B 93 0.11 -4.51 -6.72
CA ALA B 93 -0.14 -5.01 -5.35
C ALA B 93 -1.41 -4.40 -4.76
N SER B 94 -1.56 -3.09 -4.89
CA SER B 94 -2.75 -2.41 -4.36
C SER B 94 -4.03 -2.87 -5.07
N ALA B 95 -3.97 -3.06 -6.38
CA ALA B 95 -5.12 -3.55 -7.14
C ALA B 95 -5.51 -4.96 -6.71
N LEU B 96 -4.51 -5.84 -6.59
CA LEU B 96 -4.77 -7.23 -6.22
C LEU B 96 -5.32 -7.32 -4.79
N GLU B 97 -4.75 -6.50 -3.91
CA GLU B 97 -5.20 -6.41 -2.52
C GLU B 97 -6.67 -6.03 -2.43
N LYS B 98 -7.04 -4.96 -3.13
CA LYS B 98 -8.44 -4.52 -3.18
C LYS B 98 -9.33 -5.64 -3.70
N PHE B 99 -8.85 -6.34 -4.73
CA PHE B 99 -9.57 -7.47 -5.30
C PHE B 99 -9.77 -8.58 -4.27
N PHE B 100 -8.69 -9.08 -3.66
CA PHE B 100 -8.82 -10.24 -2.79
C PHE B 100 -9.60 -9.97 -1.49
N TYR B 101 -9.55 -8.75 -0.98
CA TYR B 101 -10.34 -8.43 0.22
C TYR B 101 -11.85 -8.46 -0.08
N PHE B 102 -12.25 -8.05 -1.28
CA PHE B 102 -13.64 -8.20 -1.70
C PHE B 102 -14.01 -9.68 -1.83
N LYS B 103 -13.16 -10.43 -2.53
CA LYS B 103 -13.44 -11.84 -2.82
C LYS B 103 -13.51 -12.69 -1.56
N LEU B 104 -12.68 -12.34 -0.58
CA LEU B 104 -12.73 -13.00 0.73
C LEU B 104 -14.10 -12.81 1.40
N LYS B 105 -14.66 -11.61 1.28
CA LYS B 105 -15.98 -11.29 1.84
C LYS B 105 -17.12 -11.89 1.00
N GLU B 106 -16.92 -11.97 -0.32
CA GLU B 106 -17.93 -12.51 -1.24
C GLU B 106 -18.42 -13.90 -0.85
N GLY B 107 -17.53 -14.72 -0.32
CA GLY B 107 -17.87 -16.09 0.09
C GLY B 107 -18.88 -16.18 1.23
N GLY B 108 -18.87 -15.20 2.13
CA GLY B 108 -19.77 -15.18 3.27
C GLY B 108 -19.37 -16.16 4.36
C1 EDO C . 9.02 20.96 -8.92
O1 EDO C . 9.90 19.82 -8.98
C2 EDO C . 9.28 21.88 -10.11
O2 EDO C . 8.26 21.71 -11.09
C20 9ST D . -13.72 11.31 11.41
C22 9ST D . -14.88 11.61 10.72
C24 9ST D . -14.85 12.46 9.63
C26 9ST D . -13.65 13.01 9.24
C28 9ST D . -12.48 12.71 9.93
C01 9ST D . -8.56 13.70 13.37
N05 9ST D . -9.24 12.47 12.98
C06 9ST D . -8.35 11.60 12.22
C09 9ST D . -9.05 10.29 11.90
C11 9ST D . -10.28 10.58 11.03
C14 9ST D . -11.23 11.52 11.77
C16 9ST D . -10.48 12.78 12.22
C19 9ST D . -12.50 11.85 11.01
N30 9ST D . -8.10 9.38 11.23
C32 9ST D . -7.39 8.41 11.84
C33 9ST D . -7.67 8.05 13.20
N35 9ST D . -7.05 7.14 13.86
N36 9ST D . -6.05 6.48 13.21
C37 9ST D . -5.37 5.46 14.01
C41 9ST D . -5.65 6.69 11.91
O42 9ST D . -4.74 6.05 11.41
C43 9ST D . -6.41 7.73 11.24
BR 9ST D . -5.89 8.05 9.46
C1 EDO E . -5.88 0.96 -5.50
O1 EDO E . -6.00 0.06 -6.61
C2 EDO E . -6.96 0.69 -4.47
O2 EDO E . -7.87 1.81 -4.31
C20 9ST F . 7.43 -10.52 -15.80
C22 9ST F . 6.60 -10.42 -16.92
C24 9ST F . 5.44 -11.15 -16.99
C26 9ST F . 5.09 -11.99 -15.95
C28 9ST F . 5.91 -12.09 -14.83
C01 9ST F . 9.50 -14.28 -11.52
N05 9ST F . 9.23 -12.91 -11.92
C06 9ST F . 8.70 -12.13 -10.79
C09 9ST F . 8.50 -10.68 -11.20
C11 9ST F . 7.48 -10.63 -12.34
C14 9ST F . 7.99 -11.45 -13.52
C16 9ST F . 8.30 -12.88 -13.07
C19 9ST F . 7.09 -11.35 -14.75
N30 9ST F . 8.06 -9.90 -10.03
C32 9ST F . 8.87 -9.22 -9.20
C33 9ST F . 10.26 -9.05 -9.54
N35 9ST F . 11.11 -8.41 -8.81
N36 9ST F . 10.64 -7.86 -7.64
C37 9ST F . 11.65 -7.15 -6.86
C41 9ST F . 9.35 -7.95 -7.19
O42 9ST F . 9.02 -7.42 -6.13
C43 9ST F . 8.46 -8.67 -8.05
BR 9ST F . 6.68 -8.79 -7.44
#